data_3TT0
#
_entry.id   3TT0
#
_cell.length_a   209.110
_cell.length_b   50.600
_cell.length_c   66.900
_cell.angle_alpha   90.00
_cell.angle_beta   107.27
_cell.angle_gamma   90.00
#
_symmetry.space_group_name_H-M   'C 1 2 1'
#
loop_
_entity.id
_entity.type
_entity.pdbx_description
1 polymer 'Basic fibroblast growth factor receptor 1'
2 non-polymer 3-(2,6-dichloro-3,5-dimethoxyphenyl)-1-(6-{[4-(4-ethylpiperazin-1-yl)phenyl]amino}pyrimidin-4-yl)-1-methylurea
3 non-polymer 'SULFATE ION'
4 non-polymer GLYCEROL
5 water water
#
_entity_poly.entity_id   1
_entity_poly.type   'polypeptide(L)'
_entity_poly.pdbx_seq_one_letter_code
;MGYYHHHHHHDYDIPTTENLYFNGMGYYHHHHHHDYDIPTTENLYFQGMLAGVSEYELPEDPRWELPRDRLVLGKPLGEG
AFGQVVLAEAIGLDKDKPNRVTKVAVKMLKSDATEKDLSDLISEMEMMKMIGKHKNIINLLGACTQDGPLYVIVEYASKG
NLREYLQARRPPGLEYSYNPSHNPEEQLSSKDLVSCAYQVARGMEYLASKKCIHRDLAARNVLVTEDNVMKIADFGLARD
IHHIDYYKKTTNGRLPVKWMAPEALFDRIYTHQSDVWSFGVLLWEIFTLGGSPYPGVPVEELFKLLKEGHRMDKPSNCTN
ELYMMMRDCWHAVPSQRPTFKQLVEDLDRIVALTSNQEMGYYHHHHHHDYDIPTTENLYFNG
;
_entity_poly.pdbx_strand_id   A,B
#
loop_
_chem_comp.id
_chem_comp.type
_chem_comp.name
_chem_comp.formula
07J non-polymer 3-(2,6-dichloro-3,5-dimethoxyphenyl)-1-(6-{[4-(4-ethylpiperazin-1-yl)phenyl]amino}pyrimidin-4-yl)-1-methylurea 'C26 H31 Cl2 N7 O3'
GOL non-polymer GLYCEROL 'C3 H8 O3'
SO4 non-polymer 'SULFATE ION' 'O4 S -2'
#
# COMPACT_ATOMS: atom_id res chain seq x y z
N SER A 54 32.91 6.85 33.61
CA SER A 54 32.90 6.08 32.39
C SER A 54 32.69 4.60 32.68
N GLU A 55 33.06 4.19 33.89
CA GLU A 55 32.94 2.81 34.34
C GLU A 55 32.55 2.86 35.81
N TYR A 56 31.36 2.45 36.21
CA TYR A 56 30.28 1.82 35.42
C TYR A 56 30.30 0.41 34.80
N GLU A 57 30.39 -0.60 35.65
CA GLU A 57 29.40 -1.64 36.00
C GLU A 57 28.20 -1.93 35.05
N LEU A 58 28.41 -2.16 33.76
CA LEU A 58 27.27 -2.46 32.88
C LEU A 58 26.92 -3.94 32.95
N PRO A 59 25.62 -4.26 33.23
CA PRO A 59 25.26 -5.66 33.50
C PRO A 59 25.53 -6.55 32.29
N GLU A 60 26.28 -7.63 32.40
CA GLU A 60 26.41 -8.46 31.21
C GLU A 60 25.36 -9.55 31.20
N ASP A 61 24.72 -9.67 30.07
CA ASP A 61 23.68 -10.63 29.81
C ASP A 61 24.07 -11.40 28.56
N PRO A 62 24.78 -12.54 28.73
CA PRO A 62 25.35 -13.26 27.59
C PRO A 62 24.35 -13.58 26.48
N ARG A 63 23.07 -13.74 26.82
CA ARG A 63 22.07 -14.02 25.79
C ARG A 63 21.83 -12.81 24.88
N TRP A 64 21.88 -11.62 25.43
CA TRP A 64 21.71 -10.39 24.65
C TRP A 64 23.03 -9.79 24.14
N GLU A 65 24.14 -10.34 24.61
CA GLU A 65 25.46 -9.77 24.31
C GLU A 65 25.93 -10.07 22.89
N LEU A 66 26.33 -9.03 22.18
CA LEU A 66 26.87 -9.17 20.83
C LEU A 66 28.23 -8.47 20.74
N PRO A 67 29.20 -9.11 20.06
CA PRO A 67 30.54 -8.52 19.94
C PRO A 67 30.55 -7.33 19.00
N ARG A 68 31.31 -6.31 19.34
CA ARG A 68 31.38 -5.07 18.60
C ARG A 68 31.96 -5.14 17.18
N ASP A 69 32.79 -6.13 16.91
CA ASP A 69 33.30 -6.35 15.55
C ASP A 69 32.21 -6.95 14.65
N ARG A 70 31.09 -7.35 15.24
CA ARG A 70 29.95 -7.91 14.49
C ARG A 70 28.93 -6.83 14.10
N LEU A 71 29.15 -5.62 14.61
CA LEU A 71 28.25 -4.50 14.36
C LEU A 71 28.95 -3.41 13.56
N VAL A 72 28.37 -3.08 12.41
CA VAL A 72 28.92 -2.04 11.52
C VAL A 72 28.01 -0.79 11.50
N LEU A 73 28.51 0.30 12.09
CA LEU A 73 27.70 1.49 12.32
C LEU A 73 27.56 2.38 11.09
N GLY A 74 26.31 2.67 10.73
CA GLY A 74 25.98 3.50 9.59
C GLY A 74 25.48 4.90 9.95
N LYS A 75 24.65 5.45 9.07
CA LYS A 75 24.06 6.78 9.20
C LYS A 75 23.17 6.92 10.45
N PRO A 76 23.09 8.15 11.02
CA PRO A 76 22.19 8.37 12.16
C PRO A 76 20.70 8.33 11.77
N LEU A 77 19.88 7.63 12.57
CA LEU A 77 18.42 7.63 12.39
C LEU A 77 17.65 8.79 13.07
N GLY A 78 18.13 9.25 14.22
CA GLY A 78 17.46 10.33 14.95
C GLY A 78 18.15 10.76 16.23
N GLU A 79 17.70 11.86 16.83
CA GLU A 79 18.31 12.40 18.05
C GLU A 79 17.33 12.62 19.21
N GLY A 80 17.63 11.99 20.35
CA GLY A 80 16.80 11.99 21.54
C GLY A 80 17.40 12.80 22.69
N ALA A 81 17.04 12.44 23.92
CA ALA A 81 17.60 13.11 25.09
C ALA A 81 18.87 12.42 25.55
N PHE A 82 19.99 13.12 25.38
CA PHE A 82 21.33 12.63 25.71
C PHE A 82 21.58 11.22 25.16
N GLY A 83 21.00 10.95 23.98
CA GLY A 83 21.14 9.70 23.28
C GLY A 83 20.78 9.87 21.81
N GLN A 84 21.35 9.02 20.97
CA GLN A 84 21.23 9.14 19.53
C GLN A 84 21.15 7.76 18.91
N VAL A 85 20.31 7.64 17.89
CA VAL A 85 20.06 6.37 17.24
C VAL A 85 20.67 6.39 15.84
N VAL A 86 21.31 5.28 15.46
CA VAL A 86 21.87 5.14 14.12
C VAL A 86 21.41 3.83 13.46
N LEU A 87 21.49 3.78 12.15
CA LEU A 87 21.32 2.53 11.40
C LEU A 87 22.62 1.75 11.47
N ALA A 88 22.52 0.43 11.47
CA ALA A 88 23.69 -0.43 11.53
C ALA A 88 23.45 -1.81 10.93
N GLU A 89 24.54 -2.49 10.59
CA GLU A 89 24.45 -3.85 10.08
C GLU A 89 25.08 -4.84 11.06
N ALA A 90 24.23 -5.68 11.64
CA ALA A 90 24.67 -6.70 12.59
C ALA A 90 24.96 -8.01 11.88
N ILE A 91 26.22 -8.45 11.98
CA ILE A 91 26.67 -9.71 11.37
C ILE A 91 26.47 -10.85 12.36
N GLY A 92 25.66 -11.83 11.96
CA GLY A 92 25.39 -12.99 12.79
C GLY A 92 24.61 -12.65 14.05
N LEU A 93 23.47 -12.01 13.87
CA LEU A 93 22.59 -11.70 14.98
C LEU A 93 22.07 -12.99 15.61
N ASP A 94 21.58 -13.89 14.74
CA ASP A 94 21.18 -15.24 15.14
C ASP A 94 22.41 -16.15 15.04
N LYS A 95 22.75 -16.79 16.16
CA LYS A 95 24.03 -17.50 16.31
C LYS A 95 24.22 -18.73 15.44
N ASP A 96 23.12 -19.39 15.08
CA ASP A 96 23.21 -20.54 14.18
C ASP A 96 23.13 -20.12 12.71
N LYS A 97 23.11 -18.80 12.51
CA LYS A 97 23.25 -18.19 11.19
C LYS A 97 24.27 -17.03 11.28
N PRO A 98 25.56 -17.37 11.55
CA PRO A 98 26.60 -16.37 11.81
C PRO A 98 27.03 -15.55 10.58
N ASN A 99 26.71 -16.02 9.39
CA ASN A 99 27.17 -15.36 8.16
C ASN A 99 26.19 -14.37 7.52
N ARG A 100 25.05 -14.14 8.18
CA ARG A 100 24.02 -13.25 7.65
C ARG A 100 24.03 -11.86 8.30
N VAL A 101 23.71 -10.84 7.50
CA VAL A 101 23.65 -9.45 7.96
C VAL A 101 22.19 -9.01 8.16
N THR A 102 21.93 -8.28 9.25
CA THR A 102 20.62 -7.69 9.50
C THR A 102 20.74 -6.18 9.77
N LYS A 103 19.87 -5.40 9.15
CA LYS A 103 19.82 -3.96 9.41
C LYS A 103 19.13 -3.71 10.75
N VAL A 104 19.80 -2.98 11.63
CA VAL A 104 19.30 -2.73 12.97
C VAL A 104 19.43 -1.26 13.38
N ALA A 105 18.76 -0.90 14.47
CA ALA A 105 18.88 0.43 15.04
C ALA A 105 19.61 0.33 16.36
N VAL A 106 20.64 1.15 16.52
CA VAL A 106 21.48 1.13 17.71
C VAL A 106 21.35 2.45 18.44
N LYS A 107 21.13 2.37 19.74
CA LYS A 107 21.03 3.57 20.57
C LYS A 107 22.28 3.72 21.45
N MET A 108 22.83 4.92 21.46
CA MET A 108 24.04 5.23 22.21
C MET A 108 23.94 6.63 22.80
N LEU A 109 24.64 6.86 23.90
CA LEU A 109 24.61 8.15 24.58
C LEU A 109 25.41 9.20 23.80
N LYS A 110 25.00 10.46 23.93
CA LYS A 110 25.68 11.56 23.27
C LYS A 110 26.86 12.06 24.09
N SER A 111 27.59 13.04 23.55
CA SER A 111 28.77 13.59 24.21
C SER A 111 28.43 14.24 25.55
N ASP A 112 27.24 14.84 25.61
CA ASP A 112 26.81 15.60 26.77
C ASP A 112 26.08 14.77 27.83
N ALA A 113 26.01 13.46 27.61
CA ALA A 113 25.26 12.55 28.47
C ALA A 113 25.82 12.41 29.88
N THR A 114 24.92 12.47 30.87
CA THR A 114 25.30 12.41 32.28
C THR A 114 25.02 11.04 32.90
N GLU A 115 25.38 10.89 34.17
CA GLU A 115 25.16 9.66 34.92
C GLU A 115 23.68 9.23 34.85
N LYS A 116 22.80 10.21 34.91
CA LYS A 116 21.37 9.96 34.89
C LYS A 116 20.97 9.29 33.58
N ASP A 117 21.61 9.70 32.49
CA ASP A 117 21.29 9.20 31.15
C ASP A 117 21.68 7.74 30.95
N LEU A 118 22.77 7.30 31.57
CA LEU A 118 23.19 5.91 31.48
C LEU A 118 22.19 5.00 32.20
N SER A 119 21.78 5.42 33.39
CA SER A 119 20.80 4.67 34.17
C SER A 119 19.49 4.54 33.40
N ASP A 120 19.09 5.63 32.75
CA ASP A 120 17.90 5.63 31.92
C ASP A 120 18.03 4.60 30.79
N LEU A 121 19.16 4.65 30.08
CA LEU A 121 19.40 3.76 28.95
C LEU A 121 19.37 2.28 29.35
N ILE A 122 19.99 1.97 30.49
CA ILE A 122 19.94 0.62 31.03
C ILE A 122 18.50 0.24 31.38
N SER A 123 17.80 1.15 32.05
CA SER A 123 16.40 0.96 32.41
C SER A 123 15.56 0.60 31.20
N GLU A 124 15.76 1.34 30.12
CA GLU A 124 15.01 1.16 28.88
C GLU A 124 15.27 -0.22 28.29
N MET A 125 16.53 -0.63 28.32
CA MET A 125 16.94 -1.93 27.79
C MET A 125 16.37 -3.07 28.61
N GLU A 126 16.53 -2.97 29.93
CA GLU A 126 16.05 -3.97 30.87
C GLU A 126 14.53 -4.05 30.83
N MET A 127 13.89 -2.92 30.57
CA MET A 127 12.44 -2.83 30.46
C MET A 127 11.93 -3.63 29.26
N MET A 128 12.67 -3.56 28.15
CA MET A 128 12.29 -4.28 26.93
C MET A 128 12.46 -5.77 27.13
N LYS A 129 13.39 -6.15 28.00
CA LYS A 129 13.61 -7.54 28.34
C LYS A 129 12.40 -8.10 29.09
N MET A 130 11.85 -7.29 29.99
CA MET A 130 10.72 -7.70 30.81
C MET A 130 9.43 -7.81 29.99
N ILE A 131 9.26 -6.88 29.06
CA ILE A 131 8.04 -6.81 28.26
C ILE A 131 7.99 -7.98 27.27
N GLY A 132 9.16 -8.41 26.79
CA GLY A 132 9.23 -9.50 25.85
C GLY A 132 8.89 -9.07 24.44
N LYS A 133 8.77 -10.05 23.55
CA LYS A 133 8.62 -9.81 22.12
C LYS A 133 7.18 -9.81 21.63
N HIS A 134 6.86 -8.88 20.73
CA HIS A 134 5.61 -8.89 19.97
C HIS A 134 5.95 -8.30 18.63
N LYS A 135 5.31 -8.77 17.57
CA LYS A 135 5.57 -8.29 16.21
C LYS A 135 5.20 -6.82 15.99
N ASN A 136 4.23 -6.34 16.77
CA ASN A 136 3.67 -5.01 16.56
C ASN A 136 4.31 -3.92 17.42
N ILE A 137 5.39 -4.27 18.11
CA ILE A 137 6.23 -3.28 18.81
C ILE A 137 7.67 -3.37 18.32
N ILE A 138 8.48 -2.35 18.63
CA ILE A 138 9.92 -2.40 18.36
C ILE A 138 10.61 -3.29 19.39
N ASN A 139 11.29 -4.32 18.90
CA ASN A 139 11.86 -5.36 19.76
C ASN A 139 13.35 -5.23 20.01
N LEU A 140 13.77 -5.63 21.21
CA LEU A 140 15.17 -5.71 21.56
C LEU A 140 15.80 -6.89 20.83
N LEU A 141 16.96 -6.63 20.21
CA LEU A 141 17.68 -7.62 19.43
C LEU A 141 18.97 -8.04 20.14
N GLY A 142 19.84 -7.08 20.38
CA GLY A 142 21.03 -7.32 21.17
C GLY A 142 21.54 -6.07 21.87
N ALA A 143 22.65 -6.22 22.58
CA ALA A 143 23.34 -5.09 23.20
C ALA A 143 24.84 -5.36 23.35
N CYS A 144 25.64 -4.31 23.32
CA CYS A 144 27.07 -4.41 23.63
C CYS A 144 27.32 -3.67 24.94
N THR A 145 27.58 -4.42 26.00
CA THR A 145 27.88 -3.83 27.32
C THR A 145 29.38 -3.80 27.63
N GLN A 146 30.18 -4.38 26.74
CA GLN A 146 31.59 -4.69 27.01
C GLN A 146 32.55 -4.02 26.04
N ASP A 147 33.69 -3.58 26.54
CA ASP A 147 34.72 -3.04 25.68
C ASP A 147 34.29 -1.76 25.01
N GLY A 148 33.66 -0.88 25.76
CA GLY A 148 33.24 0.37 25.16
C GLY A 148 31.91 0.90 25.64
N PRO A 149 31.35 1.90 24.95
CA PRO A 149 30.08 2.51 25.35
C PRO A 149 28.91 1.54 25.14
N LEU A 150 27.84 1.74 25.90
CA LEU A 150 26.66 0.89 25.81
C LEU A 150 25.94 1.07 24.48
N TYR A 151 25.70 -0.03 23.78
CA TYR A 151 24.92 -0.04 22.55
C TYR A 151 23.69 -0.89 22.75
N VAL A 152 22.52 -0.32 22.44
CA VAL A 152 21.26 -1.05 22.52
C VAL A 152 20.71 -1.28 21.11
N ILE A 153 20.65 -2.54 20.72
CA ILE A 153 20.29 -2.92 19.36
C ILE A 153 18.83 -3.36 19.31
N VAL A 154 18.05 -2.71 18.47
CA VAL A 154 16.62 -3.03 18.32
C VAL A 154 16.23 -3.21 16.85
N GLU A 155 14.98 -3.59 16.62
CA GLU A 155 14.46 -3.81 15.27
C GLU A 155 14.40 -2.50 14.47
N TYR A 156 14.73 -2.59 13.18
CA TYR A 156 14.76 -1.42 12.31
C TYR A 156 13.53 -1.34 11.40
N ALA A 157 12.88 -0.17 11.44
CA ALA A 157 11.74 0.10 10.58
C ALA A 157 12.16 1.07 9.48
N SER A 158 12.24 0.54 8.26
CA SER A 158 12.79 1.27 7.14
C SER A 158 11.95 2.45 6.70
N LYS A 159 10.63 2.31 6.81
CA LYS A 159 9.70 3.27 6.24
C LYS A 159 9.40 4.48 7.14
N GLY A 160 10.05 4.53 8.29
CA GLY A 160 9.97 5.66 9.20
C GLY A 160 8.75 5.60 10.10
N ASN A 161 8.44 6.73 10.74
CA ASN A 161 7.27 6.83 11.62
C ASN A 161 5.97 6.94 10.83
N LEU A 162 4.87 6.55 11.47
CA LEU A 162 3.56 6.44 10.82
C LEU A 162 3.02 7.77 10.30
N ARG A 163 3.36 8.85 11.00
CA ARG A 163 2.87 10.18 10.63
C ARG A 163 3.40 10.60 9.28
N GLU A 164 4.70 10.40 9.08
CA GLU A 164 5.35 10.73 7.81
C GLU A 164 5.00 9.72 6.72
N TYR A 165 4.69 8.49 7.14
CA TYR A 165 4.31 7.41 6.26
C TYR A 165 2.96 7.68 5.59
N LEU A 166 2.00 8.17 6.39
CA LEU A 166 0.65 8.47 5.91
C LEU A 166 0.64 9.76 5.07
N GLN A 167 1.37 10.77 5.53
CA GLN A 167 1.42 12.05 4.84
C GLN A 167 2.02 11.96 3.44
N ALA A 168 2.93 11.00 3.25
CA ALA A 168 3.56 10.80 1.94
C ALA A 168 2.67 9.98 1.01
N ARG A 169 1.73 9.24 1.58
CA ARG A 169 0.83 8.38 0.83
C ARG A 169 -0.52 9.03 0.51
N ARG A 170 -0.63 10.31 0.85
CA ARG A 170 -1.82 11.13 0.63
C ARG A 170 -2.20 11.35 -0.83
N PRO A 171 -3.46 11.01 -1.20
CA PRO A 171 -3.95 11.37 -2.53
C PRO A 171 -4.33 12.86 -2.61
N PRO A 172 -4.21 13.49 -3.79
CA PRO A 172 -4.65 14.90 -3.91
C PRO A 172 -6.16 14.96 -3.92
N GLY A 173 -6.75 15.95 -3.26
CA GLY A 173 -8.19 16.05 -3.20
C GLY A 173 -8.73 16.81 -2.00
N LEU A 174 -10.05 16.77 -1.85
CA LEU A 174 -10.75 17.51 -0.81
C LEU A 174 -10.72 16.83 0.56
N GLU A 175 -10.67 15.51 0.57
CA GLU A 175 -10.80 14.73 1.81
C GLU A 175 -9.55 14.80 2.69
N TYR A 176 -8.39 14.97 2.07
CA TYR A 176 -7.13 15.07 2.82
C TYR A 176 -6.38 16.36 2.48
N SER A 177 -5.42 16.71 3.33
CA SER A 177 -4.59 17.90 3.13
C SER A 177 -3.57 17.65 2.02
N TYR A 178 -2.67 18.61 1.83
CA TYR A 178 -1.66 18.50 0.78
C TYR A 178 -0.54 17.55 1.18
N ASN A 179 0.04 16.89 0.18
CA ASN A 179 1.12 15.94 0.41
C ASN A 179 2.48 16.66 0.51
N PRO A 180 3.07 16.68 1.73
CA PRO A 180 4.31 17.43 1.97
C PRO A 180 5.55 16.81 1.33
N SER A 181 5.45 15.54 0.96
CA SER A 181 6.59 14.77 0.47
C SER A 181 6.96 15.10 -0.96
N HIS A 182 8.26 15.29 -1.21
CA HIS A 182 8.79 15.52 -2.55
C HIS A 182 8.80 14.24 -3.38
N ASN A 183 8.88 13.10 -2.70
CA ASN A 183 8.77 11.79 -3.34
C ASN A 183 7.59 11.00 -2.75
N PRO A 184 6.35 11.31 -3.20
CA PRO A 184 5.14 10.68 -2.67
C PRO A 184 5.01 9.22 -3.12
N GLU A 185 4.40 8.39 -2.28
CA GLU A 185 4.29 6.96 -2.53
C GLU A 185 2.88 6.53 -2.96
N GLU A 186 2.70 5.23 -3.16
CA GLU A 186 1.43 4.64 -3.57
C GLU A 186 0.37 4.84 -2.49
N GLN A 187 -0.83 5.20 -2.91
CA GLN A 187 -1.93 5.49 -1.99
C GLN A 187 -2.41 4.24 -1.24
N LEU A 188 -2.90 4.45 -0.03
CA LEU A 188 -3.38 3.38 0.83
C LEU A 188 -4.88 3.15 0.69
N SER A 189 -5.28 1.88 0.75
CA SER A 189 -6.69 1.51 0.69
C SER A 189 -7.37 1.72 2.04
N SER A 190 -8.68 1.48 2.08
CA SER A 190 -9.46 1.65 3.31
C SER A 190 -9.13 0.53 4.27
N LYS A 191 -8.83 -0.65 3.72
CA LYS A 191 -8.49 -1.83 4.51
C LYS A 191 -7.10 -1.68 5.12
N ASP A 192 -6.20 -1.09 4.35
CA ASP A 192 -4.84 -0.80 4.82
C ASP A 192 -4.84 0.11 6.03
N LEU A 193 -5.72 1.11 6.01
CA LEU A 193 -5.85 2.06 7.12
C LEU A 193 -6.46 1.42 8.38
N VAL A 194 -7.52 0.63 8.19
CA VAL A 194 -8.12 -0.08 9.32
C VAL A 194 -7.14 -1.13 9.84
N SER A 195 -6.42 -1.77 8.91
CA SER A 195 -5.40 -2.74 9.26
C SER A 195 -4.29 -2.10 10.08
N CYS A 196 -3.89 -0.90 9.68
CA CYS A 196 -2.90 -0.11 10.41
C CYS A 196 -3.36 0.13 11.86
N ALA A 197 -4.62 0.54 12.03
CA ALA A 197 -5.18 0.79 13.35
C ALA A 197 -5.23 -0.48 14.19
N TYR A 198 -5.55 -1.59 13.53
CA TYR A 198 -5.64 -2.90 14.18
C TYR A 198 -4.29 -3.30 14.79
N GLN A 199 -3.24 -3.17 13.99
CA GLN A 199 -1.89 -3.52 14.42
C GLN A 199 -1.44 -2.71 15.64
N VAL A 200 -1.67 -1.41 15.61
CA VAL A 200 -1.28 -0.54 16.72
C VAL A 200 -2.03 -0.94 17.99
N ALA A 201 -3.29 -1.33 17.84
CA ALA A 201 -4.10 -1.81 18.95
C ALA A 201 -3.53 -3.13 19.52
N ARG A 202 -3.24 -4.07 18.64
CA ARG A 202 -2.63 -5.36 19.02
C ARG A 202 -1.37 -5.16 19.86
N GLY A 203 -0.47 -4.32 19.35
CA GLY A 203 0.77 -3.99 20.04
C GLY A 203 0.50 -3.36 21.38
N MET A 204 -0.48 -2.46 21.44
CA MET A 204 -0.90 -1.80 22.67
C MET A 204 -1.58 -2.76 23.63
N GLU A 205 -2.27 -3.75 23.07
CA GLU A 205 -2.92 -4.79 23.86
C GLU A 205 -1.87 -5.63 24.59
N TYR A 206 -0.79 -5.95 23.88
CA TYR A 206 0.32 -6.70 24.45
C TYR A 206 1.01 -5.90 25.55
N LEU A 207 1.37 -4.66 25.26
CA LEU A 207 2.02 -3.78 26.23
C LEU A 207 1.14 -3.61 27.46
N ALA A 208 -0.17 -3.62 27.25
CA ALA A 208 -1.15 -3.52 28.32
C ALA A 208 -1.16 -4.76 29.20
N SER A 209 -1.05 -5.92 28.57
CA SER A 209 -1.00 -7.20 29.28
C SER A 209 0.27 -7.31 30.11
N LYS A 210 1.33 -6.64 29.65
CA LYS A 210 2.61 -6.67 30.35
C LYS A 210 2.74 -5.52 31.35
N LYS A 211 1.67 -4.77 31.54
CA LYS A 211 1.63 -3.65 32.50
C LYS A 211 2.53 -2.49 32.08
N CYS A 212 2.64 -2.26 30.77
CA CYS A 212 3.35 -1.09 30.27
C CYS A 212 2.37 0.03 29.93
N ILE A 213 2.63 1.23 30.41
CA ILE A 213 1.83 2.37 30.05
C ILE A 213 2.72 3.28 29.22
N HIS A 214 2.32 3.54 27.99
CA HIS A 214 3.11 4.28 27.02
C HIS A 214 3.22 5.75 27.41
N ARG A 215 2.06 6.36 27.67
CA ARG A 215 1.91 7.73 28.17
C ARG A 215 2.18 8.83 27.15
N ASP A 216 2.84 8.48 26.04
CA ASP A 216 2.78 9.30 24.84
C ASP A 216 2.56 8.35 23.69
N LEU A 217 1.37 8.40 23.09
CA LEU A 217 1.04 7.51 21.99
C LEU A 217 0.50 8.31 20.83
N ALA A 218 1.24 8.30 19.74
CA ALA A 218 0.94 9.12 18.58
C ALA A 218 1.49 8.44 17.34
N ALA A 219 1.03 8.87 16.17
CA ALA A 219 1.52 8.34 14.91
C ALA A 219 3.05 8.43 14.85
N ARG A 220 3.60 9.47 15.47
CA ARG A 220 5.05 9.67 15.50
C ARG A 220 5.77 8.55 16.27
N ASN A 221 5.08 8.02 17.28
CA ASN A 221 5.62 6.96 18.12
C ASN A 221 5.29 5.56 17.62
N VAL A 222 4.74 5.49 16.40
CA VAL A 222 4.60 4.23 15.69
C VAL A 222 5.51 4.23 14.47
N LEU A 223 6.24 3.13 14.29
CA LEU A 223 7.17 2.98 13.17
C LEU A 223 6.70 1.92 12.19
N VAL A 224 7.08 2.08 10.92
CA VAL A 224 6.65 1.17 9.85
C VAL A 224 7.84 0.49 9.17
N THR A 225 7.79 -0.84 9.12
CA THR A 225 8.87 -1.64 8.51
C THR A 225 8.74 -1.73 6.99
N GLU A 226 9.69 -2.44 6.38
CA GLU A 226 9.69 -2.70 4.95
C GLU A 226 8.51 -3.59 4.55
N ASP A 227 8.07 -4.42 5.50
CA ASP A 227 6.94 -5.34 5.30
C ASP A 227 5.62 -4.66 5.66
N ASN A 228 5.70 -3.36 5.96
CA ASN A 228 4.54 -2.54 6.28
C ASN A 228 3.82 -3.17 7.48
N VAL A 229 4.63 -3.52 8.49
CA VAL A 229 4.15 -3.89 9.81
C VAL A 229 4.29 -2.68 10.74
N MET A 230 3.21 -2.36 11.45
CA MET A 230 3.23 -1.27 12.42
C MET A 230 3.89 -1.74 13.70
N LYS A 231 4.78 -0.91 14.26
CA LYS A 231 5.47 -1.23 15.51
C LYS A 231 5.52 -0.04 16.46
N ILE A 232 5.00 -0.22 17.66
CA ILE A 232 5.01 0.84 18.68
C ILE A 232 6.44 1.12 19.13
N ALA A 233 6.77 2.41 19.21
CA ALA A 233 8.12 2.87 19.56
C ALA A 233 8.11 3.65 20.87
N ASP A 234 9.27 3.66 21.54
CA ASP A 234 9.47 4.40 22.79
C ASP A 234 8.43 4.07 23.87
N PHE A 235 8.08 2.79 23.98
CA PHE A 235 7.13 2.33 25.00
C PHE A 235 7.77 2.12 26.38
N GLY A 236 9.07 1.82 26.39
CA GLY A 236 9.76 1.47 27.62
C GLY A 236 10.40 2.61 28.38
N LEU A 237 9.93 3.84 28.13
CA LEU A 237 10.50 5.02 28.78
C LEU A 237 10.17 5.08 30.27
N ALA A 238 11.12 5.57 31.05
CA ALA A 238 10.92 5.77 32.48
C ALA A 238 10.32 7.16 32.73
N ARG A 239 9.30 7.19 33.57
CA ARG A 239 8.55 8.42 33.86
C ARG A 239 9.38 9.43 34.66
N ASP A 240 9.33 10.68 34.22
CA ASP A 240 10.03 11.76 34.91
C ASP A 240 9.39 12.05 36.26
N ILE A 241 10.23 12.35 37.25
CA ILE A 241 9.78 12.66 38.61
C ILE A 241 9.32 14.11 38.72
N HIS A 242 9.74 14.93 37.76
CA HIS A 242 9.42 16.36 37.78
C HIS A 242 8.09 16.67 37.09
N HIS A 243 7.68 17.93 37.15
CA HIS A 243 6.47 18.38 36.47
C HIS A 243 6.80 18.69 35.02
N ILE A 244 5.84 18.49 34.12
CA ILE A 244 6.05 18.72 32.69
C ILE A 244 5.56 20.10 32.23
N ASP A 245 6.28 20.69 31.27
CA ASP A 245 5.90 21.97 30.69
C ASP A 245 5.00 21.74 29.49
N TYR A 246 3.75 22.18 29.61
CA TYR A 246 2.70 21.90 28.61
C TYR A 246 2.99 22.50 27.24
N TYR A 247 3.61 23.68 27.24
CA TYR A 247 3.89 24.42 26.01
C TYR A 247 5.17 23.93 25.33
N LYS A 248 5.85 23.01 26.00
CA LYS A 248 7.14 22.49 25.53
C LYS A 248 7.02 21.50 24.39
N LYS A 249 7.84 21.72 23.36
CA LYS A 249 7.86 20.87 22.17
C LYS A 249 9.12 19.99 22.18
N THR A 250 8.99 18.79 21.61
CA THR A 250 10.13 17.87 21.46
C THR A 250 11.06 18.36 20.35
N THR A 251 12.06 17.55 20.03
CA THR A 251 13.02 17.88 18.97
C THR A 251 12.34 18.11 17.62
N ASN A 252 11.13 17.57 17.45
CA ASN A 252 10.38 17.66 16.21
C ASN A 252 9.44 18.86 16.12
N GLY A 253 9.22 19.53 17.26
CA GLY A 253 8.25 20.62 17.34
C GLY A 253 6.81 20.13 17.49
N ARG A 254 6.61 19.14 18.35
CA ARG A 254 5.28 18.59 18.65
C ARG A 254 4.83 18.94 20.07
N LEU A 255 3.52 19.12 20.24
CA LEU A 255 2.93 19.34 21.56
C LEU A 255 2.18 18.09 22.00
N PRO A 256 2.73 17.36 22.99
CA PRO A 256 2.14 16.07 23.41
C PRO A 256 0.80 16.21 24.12
N VAL A 257 0.50 17.42 24.62
CA VAL A 257 -0.72 17.66 25.38
C VAL A 257 -1.99 17.25 24.62
N LYS A 258 -1.90 17.23 23.29
CA LYS A 258 -3.08 16.99 22.47
C LYS A 258 -3.45 15.51 22.40
N TRP A 259 -2.50 14.67 22.76
CA TRP A 259 -2.74 13.24 22.85
C TRP A 259 -3.06 12.78 24.27
N MET A 260 -2.99 13.71 25.21
CA MET A 260 -3.22 13.40 26.63
C MET A 260 -4.70 13.37 26.96
N ALA A 261 -5.08 12.36 27.73
CA ALA A 261 -6.43 12.29 28.30
C ALA A 261 -6.60 13.41 29.33
N PRO A 262 -7.85 13.83 29.60
CA PRO A 262 -8.08 14.93 30.55
C PRO A 262 -7.46 14.69 31.92
N GLU A 263 -7.60 13.48 32.48
CA GLU A 263 -7.02 13.18 33.79
C GLU A 263 -5.50 13.33 33.79
N ALA A 264 -4.87 12.98 32.67
CA ALA A 264 -3.43 13.16 32.50
C ALA A 264 -3.07 14.62 32.28
N LEU A 265 -3.94 15.34 31.59
CA LEU A 265 -3.73 16.75 31.28
C LEU A 265 -3.83 17.65 32.51
N PHE A 266 -4.82 17.38 33.36
CA PHE A 266 -5.06 18.20 34.55
C PHE A 266 -4.36 17.63 35.78
N ASP A 267 -4.75 16.41 36.15
CA ASP A 267 -4.28 15.77 37.39
C ASP A 267 -3.03 14.90 37.20
N ARG A 268 -2.55 14.84 35.96
CA ARG A 268 -1.35 14.08 35.62
C ARG A 268 -1.44 12.57 35.93
N ILE A 269 -2.66 12.05 35.91
CA ILE A 269 -2.91 10.63 36.13
C ILE A 269 -2.75 9.84 34.82
N TYR A 270 -1.89 8.83 34.85
CA TYR A 270 -1.64 8.00 33.68
C TYR A 270 -2.03 6.55 33.91
N THR A 271 -2.96 6.07 33.09
CA THR A 271 -3.43 4.70 33.16
C THR A 271 -3.35 4.05 31.79
N HIS A 272 -3.84 2.81 31.70
CA HIS A 272 -3.99 2.17 30.40
C HIS A 272 -5.09 2.87 29.62
N GLN A 273 -6.03 3.44 30.38
CA GLN A 273 -7.18 4.15 29.85
C GLN A 273 -6.79 5.50 29.24
N SER A 274 -5.75 6.12 29.78
CA SER A 274 -5.20 7.35 29.22
C SER A 274 -4.52 7.08 27.88
N ASP A 275 -4.05 5.84 27.70
CA ASP A 275 -3.47 5.40 26.44
C ASP A 275 -4.56 5.16 25.39
N VAL A 276 -5.72 4.71 25.86
CA VAL A 276 -6.87 4.48 24.99
C VAL A 276 -7.33 5.79 24.37
N TRP A 277 -7.46 6.82 25.21
CA TRP A 277 -7.76 8.18 24.76
C TRP A 277 -6.79 8.59 23.66
N SER A 278 -5.50 8.39 23.93
CA SER A 278 -4.44 8.70 22.98
C SER A 278 -4.60 7.88 21.69
N PHE A 279 -5.12 6.66 21.83
CA PHE A 279 -5.37 5.81 20.68
C PHE A 279 -6.53 6.34 19.84
N GLY A 280 -7.44 7.05 20.47
CA GLY A 280 -8.50 7.74 19.78
C GLY A 280 -7.90 8.80 18.89
N VAL A 281 -6.98 9.58 19.46
CA VAL A 281 -6.26 10.63 18.73
C VAL A 281 -5.44 10.02 17.60
N LEU A 282 -4.91 8.82 17.83
CA LEU A 282 -4.14 8.10 16.83
C LEU A 282 -5.05 7.64 15.69
N LEU A 283 -6.22 7.10 16.04
CA LEU A 283 -7.21 6.71 15.04
C LEU A 283 -7.56 7.90 14.13
N TRP A 284 -7.77 9.06 14.76
CA TRP A 284 -8.05 10.30 14.04
C TRP A 284 -6.93 10.61 13.06
N GLU A 285 -5.69 10.40 13.50
CA GLU A 285 -4.50 10.65 12.69
C GLU A 285 -4.42 9.73 11.48
N ILE A 286 -4.83 8.48 11.66
CA ILE A 286 -4.80 7.51 10.56
C ILE A 286 -5.73 7.93 9.43
N PHE A 287 -6.93 8.38 9.79
CA PHE A 287 -7.96 8.67 8.80
C PHE A 287 -7.95 10.12 8.33
N THR A 288 -7.07 10.91 8.94
CA THR A 288 -6.71 12.21 8.39
C THR A 288 -5.40 12.08 7.61
N LEU A 289 -4.85 10.87 7.60
CA LEU A 289 -3.56 10.58 6.95
C LEU A 289 -2.42 11.49 7.44
N GLY A 290 -2.23 11.50 8.76
CA GLY A 290 -1.19 12.30 9.38
C GLY A 290 -1.63 13.71 9.71
N GLY A 291 -2.94 13.90 9.92
CA GLY A 291 -3.49 15.20 10.24
C GLY A 291 -3.07 15.69 11.62
N SER A 292 -3.00 17.00 11.78
CA SER A 292 -2.65 17.61 13.07
C SER A 292 -3.89 17.76 13.95
N PRO A 293 -3.85 17.17 15.16
CA PRO A 293 -4.98 17.23 16.10
C PRO A 293 -5.24 18.66 16.55
N TYR A 294 -6.52 19.02 16.65
CA TYR A 294 -6.92 20.33 17.17
C TYR A 294 -6.16 21.46 16.46
N PRO A 295 -6.40 21.64 15.15
CA PRO A 295 -5.65 22.66 14.41
C PRO A 295 -5.91 24.06 14.96
N GLY A 296 -4.84 24.84 15.10
CA GLY A 296 -4.94 26.21 15.61
C GLY A 296 -5.55 26.33 16.99
N VAL A 297 -5.32 25.34 17.84
CA VAL A 297 -5.78 25.36 19.22
C VAL A 297 -4.57 25.42 20.18
N PRO A 298 -4.40 26.55 20.89
CA PRO A 298 -3.34 26.66 21.88
C PRO A 298 -3.64 25.83 23.14
N VAL A 299 -2.63 25.60 23.97
CA VAL A 299 -2.77 24.82 25.19
C VAL A 299 -3.93 25.33 26.05
N GLU A 300 -3.94 26.64 26.30
CA GLU A 300 -4.94 27.26 27.15
C GLU A 300 -6.36 27.02 26.66
N GLU A 301 -6.52 26.95 25.34
CA GLU A 301 -7.83 26.76 24.72
C GLU A 301 -8.25 25.29 24.77
N LEU A 302 -7.28 24.40 24.92
CA LEU A 302 -7.55 22.96 24.95
C LEU A 302 -8.09 22.52 26.30
N PHE A 303 -7.53 23.08 27.37
CA PHE A 303 -7.96 22.81 28.73
C PHE A 303 -9.46 23.04 28.92
N LYS A 304 -9.95 24.17 28.42
CA LYS A 304 -11.35 24.53 28.52
C LYS A 304 -12.20 23.70 27.57
N LEU A 305 -11.73 23.56 26.33
CA LEU A 305 -12.42 22.81 25.29
C LEU A 305 -12.85 21.40 25.71
N LEU A 306 -11.93 20.68 26.34
CA LEU A 306 -12.16 19.28 26.74
C LEU A 306 -13.08 19.19 27.96
N LYS A 307 -12.97 20.17 28.85
CA LYS A 307 -13.82 20.26 30.03
C LYS A 307 -15.28 20.52 29.64
N GLU A 308 -15.48 21.33 28.60
CA GLU A 308 -16.81 21.61 28.07
C GLU A 308 -17.35 20.41 27.29
N GLY A 309 -16.46 19.46 27.01
CA GLY A 309 -16.83 18.20 26.37
C GLY A 309 -16.72 18.21 24.87
N HIS A 310 -16.03 19.21 24.34
CA HIS A 310 -15.86 19.33 22.89
C HIS A 310 -14.77 18.37 22.40
N ARG A 311 -15.08 17.65 21.33
CA ARG A 311 -14.15 16.69 20.73
C ARG A 311 -13.92 17.03 19.26
N MET A 312 -12.85 16.48 18.69
CA MET A 312 -12.51 16.69 17.29
C MET A 312 -13.60 16.19 16.35
N ASP A 313 -13.78 16.91 15.24
CA ASP A 313 -14.77 16.56 14.23
C ASP A 313 -14.33 15.31 13.48
N LYS A 314 -15.30 14.54 13.01
CA LYS A 314 -15.02 13.37 12.20
C LYS A 314 -14.22 13.79 10.97
N PRO A 315 -13.19 13.00 10.59
CA PRO A 315 -12.42 13.31 9.39
C PRO A 315 -13.26 13.14 8.13
N SER A 316 -12.92 13.89 7.08
CA SER A 316 -13.69 13.85 5.84
C SER A 316 -13.91 12.41 5.38
N ASN A 317 -12.84 11.63 5.19
CA ASN A 317 -13.02 10.26 4.78
C ASN A 317 -12.91 9.39 6.02
N CYS A 318 -14.06 9.02 6.57
CA CYS A 318 -14.13 8.13 7.71
C CYS A 318 -15.53 7.54 7.83
N THR A 319 -15.62 6.27 8.24
CA THR A 319 -16.92 5.64 8.48
C THR A 319 -17.46 6.01 9.85
N ASN A 320 -18.78 5.97 10.01
CA ASN A 320 -19.41 6.26 11.29
C ASN A 320 -18.98 5.31 12.40
N GLU A 321 -18.77 4.04 12.04
CA GLU A 321 -18.37 3.03 13.00
C GLU A 321 -17.02 3.39 13.59
N LEU A 322 -16.11 3.87 12.75
CA LEU A 322 -14.77 4.24 13.16
C LEU A 322 -14.77 5.53 13.97
N TYR A 323 -15.65 6.47 13.62
CA TYR A 323 -15.74 7.71 14.38
C TYR A 323 -16.36 7.48 15.76
N MET A 324 -17.27 6.51 15.85
CA MET A 324 -17.87 6.11 17.13
C MET A 324 -16.76 5.55 18.02
N MET A 325 -15.86 4.77 17.41
CA MET A 325 -14.71 4.21 18.13
C MET A 325 -13.83 5.33 18.69
N MET A 326 -13.61 6.37 17.90
CA MET A 326 -12.86 7.54 18.37
C MET A 326 -13.54 8.19 19.54
N ARG A 327 -14.86 8.39 19.42
CA ARG A 327 -15.64 9.05 20.45
C ARG A 327 -15.68 8.23 21.74
N ASP A 328 -15.66 6.91 21.60
CA ASP A 328 -15.60 6.00 22.74
C ASP A 328 -14.28 6.14 23.51
N CYS A 329 -13.17 6.24 22.78
CA CYS A 329 -11.86 6.46 23.41
C CYS A 329 -11.80 7.85 24.04
N TRP A 330 -12.60 8.76 23.50
CA TRP A 330 -12.60 10.17 23.92
C TRP A 330 -13.59 10.43 25.06
N HIS A 331 -14.22 9.37 25.55
CA HIS A 331 -15.15 9.45 26.67
C HIS A 331 -14.50 10.11 27.89
N ALA A 332 -15.21 11.07 28.49
CA ALA A 332 -14.70 11.85 29.60
C ALA A 332 -14.26 10.97 30.77
N VAL A 333 -15.12 10.04 31.14
CA VAL A 333 -14.86 9.13 32.25
C VAL A 333 -13.99 7.96 31.79
N PRO A 334 -12.80 7.79 32.42
CA PRO A 334 -11.88 6.74 31.98
C PRO A 334 -12.51 5.35 32.00
N SER A 335 -13.30 5.06 33.02
CA SER A 335 -13.88 3.73 33.20
C SER A 335 -14.82 3.36 32.06
N GLN A 336 -15.34 4.35 31.36
CA GLN A 336 -16.31 4.13 30.30
C GLN A 336 -15.66 3.97 28.91
N ARG A 337 -14.36 4.25 28.83
CA ARG A 337 -13.60 4.04 27.60
C ARG A 337 -13.46 2.54 27.35
N PRO A 338 -13.31 2.14 26.07
CA PRO A 338 -13.08 0.72 25.80
C PRO A 338 -11.64 0.29 26.12
N THR A 339 -11.46 -1.00 26.40
CA THR A 339 -10.12 -1.57 26.58
C THR A 339 -9.50 -1.90 25.21
N PHE A 340 -8.17 -1.95 25.16
CA PHE A 340 -7.47 -2.38 23.95
C PHE A 340 -7.92 -3.78 23.52
N LYS A 341 -8.29 -4.62 24.49
CA LYS A 341 -8.80 -5.95 24.23
C LYS A 341 -10.04 -5.91 23.35
N GLN A 342 -10.95 -4.99 23.66
CA GLN A 342 -12.17 -4.82 22.87
C GLN A 342 -11.90 -4.05 21.59
N LEU A 343 -10.92 -3.15 21.62
CA LEU A 343 -10.50 -2.44 20.42
C LEU A 343 -9.90 -3.38 19.38
N VAL A 344 -9.20 -4.40 19.83
CA VAL A 344 -8.65 -5.41 18.91
C VAL A 344 -9.77 -6.31 18.38
N GLU A 345 -10.70 -6.68 19.25
CA GLU A 345 -11.82 -7.54 18.85
C GLU A 345 -12.69 -6.86 17.80
N ASP A 346 -12.91 -5.56 17.97
CA ASP A 346 -13.73 -4.78 17.07
C ASP A 346 -13.05 -4.52 15.73
N LEU A 347 -11.80 -4.05 15.79
CA LEU A 347 -11.04 -3.76 14.58
C LEU A 347 -10.80 -5.00 13.73
N ASP A 348 -10.65 -6.15 14.38
CA ASP A 348 -10.47 -7.42 13.68
C ASP A 348 -11.69 -7.70 12.81
N ARG A 349 -12.85 -7.32 13.34
CA ARG A 349 -14.13 -7.50 12.65
C ARG A 349 -14.30 -6.50 11.50
N ILE A 350 -13.87 -5.27 11.71
CA ILE A 350 -14.03 -4.21 10.72
C ILE A 350 -13.11 -4.41 9.51
N VAL A 351 -11.88 -4.85 9.76
CA VAL A 351 -10.92 -5.12 8.69
C VAL A 351 -11.51 -6.11 7.67
N ALA A 352 -12.10 -7.19 8.16
CA ALA A 352 -12.69 -8.20 7.29
C ALA A 352 -13.86 -7.63 6.50
N LEU A 353 -14.60 -6.72 7.13
CA LEU A 353 -15.76 -6.09 6.51
C LEU A 353 -15.39 -4.97 5.54
N THR A 354 -14.24 -4.33 5.77
CA THR A 354 -13.76 -3.24 4.93
C THR A 354 -13.18 -3.80 3.63
N SER A 355 -13.69 -3.31 2.50
CA SER A 355 -13.24 -3.76 1.19
C SER A 355 -11.84 -3.25 0.88
N ASN A 356 -11.04 -4.06 0.20
CA ASN A 356 -9.68 -3.65 -0.15
C ASN A 356 -9.60 -2.79 -1.40
N GLN A 357 -10.70 -2.67 -2.12
CA GLN A 357 -10.76 -1.93 -3.38
C GLN A 357 -10.70 -0.42 -3.18
N GLU A 358 -11.22 0.02 -2.03
CA GLU A 358 -11.25 1.45 -1.71
C GLU A 358 -10.07 1.85 -0.83
N GLY B 52 26.94 -4.18 -11.39
CA GLY B 52 25.98 -3.71 -12.36
C GLY B 52 24.60 -3.44 -11.79
N VAL B 53 23.97 -2.39 -12.29
CA VAL B 53 22.61 -1.99 -11.91
C VAL B 53 21.64 -2.69 -12.85
N SER B 54 22.15 -3.62 -13.64
CA SER B 54 21.54 -4.12 -14.87
C SER B 54 21.99 -3.30 -16.08
N GLU B 55 22.77 -2.25 -15.83
CA GLU B 55 23.43 -1.50 -16.90
C GLU B 55 24.47 -2.38 -17.59
N TYR B 56 24.98 -3.36 -16.84
CA TYR B 56 26.02 -4.28 -17.33
C TYR B 56 25.55 -5.73 -17.32
N GLU B 57 25.18 -6.23 -16.14
CA GLU B 57 24.58 -7.55 -16.03
C GLU B 57 23.21 -7.50 -15.34
N LEU B 58 22.20 -8.02 -16.01
CA LEU B 58 20.86 -8.11 -15.42
C LEU B 58 20.79 -9.24 -14.41
N PRO B 59 19.88 -9.11 -13.41
CA PRO B 59 19.56 -10.25 -12.56
C PRO B 59 18.96 -11.38 -13.40
N GLU B 60 19.30 -12.61 -13.02
CA GLU B 60 18.87 -13.81 -13.73
CA GLU B 60 18.86 -13.81 -13.72
C GLU B 60 17.85 -14.59 -12.90
N ASP B 61 16.81 -15.07 -13.58
CA ASP B 61 15.77 -15.89 -12.96
C ASP B 61 15.67 -17.18 -13.77
N PRO B 62 16.43 -18.21 -13.38
CA PRO B 62 16.55 -19.44 -14.18
C PRO B 62 15.18 -20.04 -14.49
N ARG B 63 14.20 -19.72 -13.65
CA ARG B 63 12.83 -20.18 -13.79
C ARG B 63 12.19 -19.62 -15.06
N TRP B 64 12.43 -18.33 -15.31
CA TRP B 64 11.90 -17.64 -16.47
C TRP B 64 12.88 -17.53 -17.66
N GLU B 65 14.10 -18.01 -17.46
CA GLU B 65 15.17 -17.83 -18.45
C GLU B 65 15.03 -18.80 -19.62
N LEU B 66 15.06 -18.26 -20.83
CA LEU B 66 15.01 -19.05 -22.04
C LEU B 66 16.21 -18.69 -22.92
N PRO B 67 16.85 -19.70 -23.55
CA PRO B 67 18.00 -19.44 -24.43
C PRO B 67 17.58 -18.81 -25.74
N ARG B 68 18.36 -17.86 -26.23
CA ARG B 68 18.02 -17.10 -27.44
C ARG B 68 17.88 -18.00 -28.67
N ASP B 69 18.50 -19.18 -28.59
CA ASP B 69 18.47 -20.15 -29.69
C ASP B 69 17.13 -20.89 -29.71
N ARG B 70 16.36 -20.71 -28.65
CA ARG B 70 15.00 -21.25 -28.59
C ARG B 70 13.95 -20.23 -29.05
N LEU B 71 14.40 -19.06 -29.52
CA LEU B 71 13.50 -17.99 -29.92
C LEU B 71 13.78 -17.49 -31.34
N VAL B 72 12.78 -17.59 -32.21
CA VAL B 72 12.88 -17.14 -33.60
C VAL B 72 11.99 -15.92 -33.82
N LEU B 73 12.61 -14.77 -34.04
CA LEU B 73 11.90 -13.49 -34.14
C LEU B 73 11.25 -13.23 -35.49
N GLY B 74 9.95 -12.95 -35.46
CA GLY B 74 9.15 -12.66 -36.63
C GLY B 74 8.78 -11.19 -36.81
N LYS B 75 7.66 -10.97 -37.49
CA LYS B 75 7.12 -9.63 -37.76
C LYS B 75 6.81 -8.82 -36.49
N PRO B 76 6.93 -7.49 -36.57
CA PRO B 76 6.56 -6.66 -35.41
C PRO B 76 5.05 -6.68 -35.15
N LEU B 77 4.69 -6.92 -33.89
CA LEU B 77 3.31 -6.87 -33.45
C LEU B 77 2.86 -5.44 -33.17
N GLY B 78 3.79 -4.63 -32.66
CA GLY B 78 3.49 -3.24 -32.38
C GLY B 78 4.63 -2.44 -31.78
N GLU B 79 4.33 -1.18 -31.50
CA GLU B 79 5.29 -0.27 -30.90
C GLU B 79 4.79 0.12 -29.51
N GLY B 80 5.52 1.02 -28.88
CA GLY B 80 5.24 1.49 -27.53
C GLY B 80 6.19 2.63 -27.23
N ALA B 81 6.37 2.92 -25.95
CA ALA B 81 7.31 3.97 -25.55
C ALA B 81 8.68 3.34 -25.34
N PHE B 82 9.62 3.71 -26.21
CA PHE B 82 11.00 3.24 -26.18
C PHE B 82 11.08 1.73 -26.05
N GLY B 83 10.09 1.03 -26.61
CA GLY B 83 10.17 -0.41 -26.69
C GLY B 83 9.31 -0.89 -27.83
N GLN B 84 9.66 -2.07 -28.37
CA GLN B 84 8.98 -2.60 -29.54
C GLN B 84 8.58 -4.03 -29.25
N VAL B 85 7.45 -4.44 -29.80
CA VAL B 85 6.96 -5.79 -29.65
C VAL B 85 6.99 -6.48 -31.00
N VAL B 86 7.43 -7.73 -31.02
CA VAL B 86 7.51 -8.50 -32.25
C VAL B 86 6.93 -9.88 -32.00
N LEU B 87 6.34 -10.46 -33.04
CA LEU B 87 5.89 -11.84 -32.99
C LEU B 87 7.12 -12.73 -32.97
N ALA B 88 7.08 -13.79 -32.17
CA ALA B 88 8.20 -14.71 -32.08
C ALA B 88 7.73 -16.17 -31.95
N GLU B 89 8.68 -17.09 -32.12
CA GLU B 89 8.42 -18.50 -31.94
C GLU B 89 9.42 -19.12 -30.97
N ALA B 90 8.90 -19.64 -29.86
CA ALA B 90 9.73 -20.27 -28.85
C ALA B 90 9.54 -21.77 -28.87
N ILE B 91 10.60 -22.55 -28.63
CA ILE B 91 10.45 -24.01 -28.59
C ILE B 91 10.51 -24.53 -27.15
N GLY B 92 9.32 -24.91 -26.71
CA GLY B 92 8.98 -25.54 -25.47
C GLY B 92 8.88 -24.45 -24.45
N LEU B 93 7.75 -24.40 -23.75
CA LEU B 93 7.65 -23.49 -22.64
C LEU B 93 7.12 -24.23 -21.43
N ASP B 94 6.12 -25.08 -21.70
CA ASP B 94 5.40 -25.86 -20.70
C ASP B 94 6.17 -26.93 -19.93
N LYS B 95 7.04 -27.66 -20.62
CA LYS B 95 7.74 -28.82 -20.07
C LYS B 95 6.95 -30.07 -20.44
N ASP B 96 5.72 -29.84 -20.89
CA ASP B 96 4.89 -30.84 -21.50
C ASP B 96 3.90 -30.07 -22.37
N LYS B 97 4.12 -30.03 -23.68
CA LYS B 97 5.29 -30.63 -24.29
C LYS B 97 6.48 -29.70 -24.28
N PRO B 98 7.64 -30.24 -24.01
CA PRO B 98 8.88 -29.47 -24.17
C PRO B 98 9.24 -29.26 -25.65
N ASN B 99 8.71 -30.12 -26.52
CA ASN B 99 9.01 -30.06 -27.95
C ASN B 99 8.03 -29.20 -28.74
N ARG B 100 7.10 -28.58 -28.03
CA ARG B 100 6.04 -27.76 -28.64
C ARG B 100 6.54 -26.38 -29.04
N VAL B 101 6.33 -26.03 -30.31
CA VAL B 101 6.68 -24.70 -30.81
C VAL B 101 5.50 -23.76 -30.60
N THR B 102 5.74 -22.65 -29.90
CA THR B 102 4.66 -21.76 -29.51
C THR B 102 4.85 -20.35 -30.04
N LYS B 103 3.77 -19.78 -30.58
CA LYS B 103 3.78 -18.39 -31.02
C LYS B 103 3.66 -17.47 -29.80
N VAL B 104 4.60 -16.54 -29.68
CA VAL B 104 4.67 -15.65 -28.52
C VAL B 104 4.90 -14.21 -28.92
N ALA B 105 4.69 -13.30 -27.97
CA ALA B 105 4.99 -11.89 -28.16
C ALA B 105 6.19 -11.51 -27.33
N VAL B 106 7.17 -10.86 -27.97
CA VAL B 106 8.41 -10.49 -27.31
C VAL B 106 8.55 -8.98 -27.28
N LYS B 107 8.92 -8.47 -26.12
CA LYS B 107 9.14 -7.03 -25.91
CA LYS B 107 9.14 -7.04 -25.94
C LYS B 107 10.61 -6.73 -25.69
N MET B 108 11.11 -5.72 -26.37
CA MET B 108 12.52 -5.31 -26.28
C MET B 108 12.65 -3.81 -26.37
N LEU B 109 13.72 -3.28 -25.79
CA LEU B 109 14.05 -1.86 -25.91
C LEU B 109 14.44 -1.51 -27.34
N LYS B 110 14.36 -0.22 -27.66
CA LYS B 110 14.73 0.29 -28.97
C LYS B 110 16.17 0.78 -28.94
N SER B 111 16.67 1.23 -30.09
CA SER B 111 18.05 1.69 -30.23
C SER B 111 18.35 2.87 -29.30
N ASP B 112 17.41 3.80 -29.26
CA ASP B 112 17.61 5.07 -28.56
C ASP B 112 17.30 5.00 -27.08
N ALA B 113 16.89 3.81 -26.62
CA ALA B 113 16.55 3.58 -25.21
C ALA B 113 17.71 3.91 -24.28
N THR B 114 17.38 4.54 -23.15
CA THR B 114 18.35 4.81 -22.09
C THR B 114 18.10 3.86 -20.92
N GLU B 115 18.88 4.04 -19.85
CA GLU B 115 18.79 3.20 -18.66
C GLU B 115 17.40 3.24 -18.05
N LYS B 116 16.82 4.44 -17.98
CA LYS B 116 15.50 4.64 -17.41
C LYS B 116 14.45 3.77 -18.09
N ASP B 117 14.58 3.60 -19.40
CA ASP B 117 13.64 2.81 -20.18
C ASP B 117 13.79 1.31 -19.90
N LEU B 118 15.00 0.92 -19.54
CA LEU B 118 15.32 -0.44 -19.15
C LEU B 118 14.73 -0.78 -17.78
N SER B 119 14.82 0.16 -16.85
CA SER B 119 14.27 -0.01 -15.52
C SER B 119 12.76 -0.25 -15.59
N ASP B 120 12.09 0.48 -16.48
CA ASP B 120 10.66 0.30 -16.70
C ASP B 120 10.38 -1.12 -17.16
N LEU B 121 11.12 -1.56 -18.18
CA LEU B 121 10.92 -2.89 -18.77
C LEU B 121 11.11 -4.01 -17.75
N ILE B 122 12.14 -3.88 -16.91
CA ILE B 122 12.38 -4.82 -15.83
C ILE B 122 11.21 -4.78 -14.83
N SER B 123 10.81 -3.57 -14.46
CA SER B 123 9.68 -3.37 -13.55
C SER B 123 8.44 -4.09 -14.07
N GLU B 124 8.16 -3.93 -15.36
CA GLU B 124 6.98 -4.53 -15.97
C GLU B 124 7.03 -6.05 -15.90
N MET B 125 8.22 -6.60 -16.15
CA MET B 125 8.43 -8.04 -16.13
C MET B 125 8.27 -8.59 -14.72
N GLU B 126 8.97 -7.94 -13.78
CA GLU B 126 8.94 -8.34 -12.37
C GLU B 126 7.54 -8.21 -11.81
N MET B 127 6.81 -7.22 -12.30
CA MET B 127 5.44 -6.97 -11.92
C MET B 127 4.53 -8.13 -12.30
N MET B 128 4.75 -8.69 -13.48
CA MET B 128 3.95 -9.80 -13.98
C MET B 128 4.23 -11.06 -13.21
N LYS B 129 5.44 -11.16 -12.67
CA LYS B 129 5.83 -12.28 -11.83
C LYS B 129 5.07 -12.24 -10.52
N MET B 130 4.90 -11.04 -9.95
CA MET B 130 4.20 -10.87 -8.69
C MET B 130 2.70 -11.13 -8.82
N ILE B 131 2.13 -10.69 -9.94
CA ILE B 131 0.69 -10.80 -10.16
C ILE B 131 0.28 -12.25 -10.40
N GLY B 132 1.18 -13.03 -11.00
CA GLY B 132 0.92 -14.43 -11.30
C GLY B 132 0.06 -14.60 -12.52
N LYS B 133 -0.33 -15.83 -12.80
CA LYS B 133 -1.09 -16.18 -14.00
C LYS B 133 -2.61 -16.20 -13.81
N HIS B 134 -3.31 -15.77 -14.84
CA HIS B 134 -4.76 -15.89 -14.98
C HIS B 134 -5.03 -16.01 -16.45
N LYS B 135 -6.02 -16.79 -16.83
CA LYS B 135 -6.27 -17.03 -18.26
C LYS B 135 -6.89 -15.83 -18.98
N ASN B 136 -7.45 -14.90 -18.21
CA ASN B 136 -8.09 -13.70 -18.76
C ASN B 136 -7.20 -12.45 -18.83
N ILE B 137 -5.93 -12.62 -18.52
CA ILE B 137 -4.92 -11.57 -18.71
C ILE B 137 -3.79 -12.08 -19.59
N ILE B 138 -2.98 -11.16 -20.13
CA ILE B 138 -1.77 -11.55 -20.86
C ILE B 138 -0.68 -11.99 -19.87
N ASN B 139 -0.21 -13.22 -20.04
CA ASN B 139 0.69 -13.84 -19.07
C ASN B 139 2.16 -13.85 -19.49
N LEU B 140 3.04 -13.73 -18.50
CA LEU B 140 4.47 -13.89 -18.70
C LEU B 140 4.79 -15.35 -18.98
N LEU B 141 5.60 -15.56 -20.01
CA LEU B 141 5.99 -16.90 -20.45
C LEU B 141 7.47 -17.15 -20.17
N GLY B 142 8.33 -16.33 -20.77
CA GLY B 142 9.75 -16.36 -20.46
C GLY B 142 10.43 -15.04 -20.67
N ALA B 143 11.74 -15.02 -20.44
CA ALA B 143 12.58 -13.85 -20.72
C ALA B 143 14.02 -14.26 -21.03
N CYS B 144 14.70 -13.45 -21.85
CA CYS B 144 16.13 -13.64 -22.07
C CYS B 144 16.84 -12.44 -21.47
N THR B 145 17.50 -12.66 -20.35
CA THR B 145 18.30 -11.63 -19.68
C THR B 145 19.81 -11.63 -19.95
N GLN B 146 20.31 -12.67 -20.59
CA GLN B 146 21.75 -12.91 -20.53
C GLN B 146 22.45 -12.87 -21.88
N ASP B 147 23.48 -12.03 -21.97
CA ASP B 147 24.33 -11.92 -23.16
C ASP B 147 23.52 -11.56 -24.41
N GLY B 148 22.93 -10.38 -24.33
CA GLY B 148 22.14 -9.77 -25.38
C GLY B 148 21.13 -8.83 -24.76
N PRO B 149 20.31 -8.15 -25.59
CA PRO B 149 19.28 -7.23 -25.07
C PRO B 149 18.17 -7.99 -24.35
N LEU B 150 17.48 -7.31 -23.43
CA LEU B 150 16.41 -7.93 -22.66
C LEU B 150 15.20 -8.23 -23.54
N TYR B 151 14.77 -9.49 -23.51
CA TYR B 151 13.56 -9.92 -24.20
C TYR B 151 12.53 -10.39 -23.17
N VAL B 152 11.31 -9.83 -23.25
CA VAL B 152 10.23 -10.25 -22.38
C VAL B 152 9.17 -10.99 -23.20
N ILE B 153 9.01 -12.27 -22.90
CA ILE B 153 8.16 -13.16 -23.68
C ILE B 153 6.82 -13.35 -22.98
N VAL B 154 5.73 -13.02 -23.67
CA VAL B 154 4.39 -13.15 -23.09
C VAL B 154 3.45 -13.90 -24.04
N GLU B 155 2.21 -14.13 -23.58
CA GLU B 155 1.21 -14.84 -24.37
C GLU B 155 0.78 -14.04 -25.60
N TYR B 156 0.57 -14.74 -26.72
CA TYR B 156 0.19 -14.10 -27.97
C TYR B 156 -1.29 -14.23 -28.29
N ALA B 157 -1.93 -13.10 -28.57
CA ALA B 157 -3.34 -13.07 -28.96
C ALA B 157 -3.45 -12.75 -30.45
N SER B 158 -3.88 -13.75 -31.23
CA SER B 158 -3.83 -13.67 -32.69
C SER B 158 -4.86 -12.72 -33.29
N LYS B 159 -6.01 -12.57 -32.64
CA LYS B 159 -7.12 -11.81 -33.20
C LYS B 159 -7.04 -10.31 -32.92
N GLY B 160 -5.99 -9.89 -32.21
CA GLY B 160 -5.75 -8.47 -31.98
C GLY B 160 -6.49 -7.94 -30.77
N ASN B 161 -6.55 -6.61 -30.67
CA ASN B 161 -7.29 -5.97 -29.57
C ASN B 161 -8.80 -6.00 -29.77
N LEU B 162 -9.53 -5.91 -28.65
CA LEU B 162 -10.97 -6.07 -28.64
C LEU B 162 -11.74 -5.04 -29.46
N ARG B 163 -11.23 -3.81 -29.53
CA ARG B 163 -11.90 -2.75 -30.28
C ARG B 163 -11.96 -3.10 -31.77
N GLU B 164 -10.82 -3.51 -32.32
CA GLU B 164 -10.74 -3.90 -33.72
C GLU B 164 -11.45 -5.22 -33.98
N TYR B 165 -11.53 -6.06 -32.94
CA TYR B 165 -12.19 -7.35 -33.02
C TYR B 165 -13.70 -7.19 -33.17
N LEU B 166 -14.27 -6.26 -32.41
CA LEU B 166 -15.71 -6.01 -32.43
C LEU B 166 -16.13 -5.24 -33.69
N GLN B 167 -15.34 -4.24 -34.06
CA GLN B 167 -15.60 -3.43 -35.25
C GLN B 167 -15.59 -4.24 -36.54
N ALA B 168 -14.80 -5.30 -36.59
CA ALA B 168 -14.74 -6.15 -37.78
C ALA B 168 -15.89 -7.16 -37.81
N ARG B 169 -16.49 -7.40 -36.65
CA ARG B 169 -17.59 -8.36 -36.51
C ARG B 169 -19.02 -7.78 -36.56
N ARG B 170 -19.13 -6.48 -36.81
CA ARG B 170 -20.43 -5.81 -36.84
C ARG B 170 -21.34 -6.28 -37.97
N GLN B 187 -20.43 -12.58 -37.41
CA GLN B 187 -21.08 -11.75 -36.41
C GLN B 187 -21.19 -12.44 -35.05
N LEU B 188 -21.16 -11.66 -33.99
CA LEU B 188 -21.23 -12.15 -32.62
C LEU B 188 -22.66 -12.15 -32.08
N SER B 189 -23.03 -13.20 -31.33
CA SER B 189 -24.37 -13.27 -30.75
C SER B 189 -24.44 -12.44 -29.46
N SER B 190 -25.63 -12.40 -28.84
CA SER B 190 -25.84 -11.60 -27.64
C SER B 190 -25.13 -12.22 -26.44
N LYS B 191 -25.21 -13.55 -26.34
CA LYS B 191 -24.54 -14.30 -25.28
C LYS B 191 -23.02 -14.11 -25.36
N ASP B 192 -22.50 -14.07 -26.58
CA ASP B 192 -21.06 -13.92 -26.82
C ASP B 192 -20.53 -12.56 -26.36
N LEU B 193 -21.36 -11.53 -26.49
CA LEU B 193 -20.98 -10.18 -26.05
C LEU B 193 -20.94 -10.11 -24.52
N VAL B 194 -21.94 -10.70 -23.88
CA VAL B 194 -21.99 -10.73 -22.42
C VAL B 194 -20.85 -11.59 -21.89
N SER B 195 -20.53 -12.66 -22.61
CA SER B 195 -19.41 -13.54 -22.27
C SER B 195 -18.11 -12.75 -22.32
N CYS B 196 -17.97 -11.91 -23.35
CA CYS B 196 -16.79 -11.05 -23.49
CA CYS B 196 -16.80 -11.04 -23.50
C CYS B 196 -16.63 -10.14 -22.29
N ALA B 197 -17.72 -9.51 -21.87
CA ALA B 197 -17.72 -8.61 -20.71
C ALA B 197 -17.38 -9.37 -19.43
N TYR B 198 -17.89 -10.60 -19.32
CA TYR B 198 -17.65 -11.44 -18.15
C TYR B 198 -16.15 -11.74 -17.98
N GLN B 199 -15.52 -12.11 -19.08
CA GLN B 199 -14.10 -12.46 -19.08
C GLN B 199 -13.23 -11.29 -18.65
N VAL B 200 -13.50 -10.12 -19.19
CA VAL B 200 -12.76 -8.90 -18.85
C VAL B 200 -12.90 -8.59 -17.36
N ALA B 201 -14.10 -8.80 -16.83
CA ALA B 201 -14.35 -8.61 -15.41
C ALA B 201 -13.55 -9.60 -14.59
N ARG B 202 -13.55 -10.85 -15.05
CA ARG B 202 -12.87 -11.97 -14.40
C ARG B 202 -11.37 -11.72 -14.31
N GLY B 203 -10.82 -11.18 -15.40
CA GLY B 203 -9.41 -10.82 -15.47
C GLY B 203 -9.06 -9.62 -14.61
N MET B 204 -9.98 -8.68 -14.49
CA MET B 204 -9.78 -7.52 -13.63
C MET B 204 -10.00 -7.87 -12.16
N GLU B 205 -10.94 -8.78 -11.90
CA GLU B 205 -11.18 -9.26 -10.54
C GLU B 205 -9.90 -9.84 -9.95
N TYR B 206 -9.19 -10.60 -10.77
CA TYR B 206 -7.90 -11.19 -10.39
C TYR B 206 -6.85 -10.12 -10.13
N LEU B 207 -6.69 -9.20 -11.08
CA LEU B 207 -5.76 -8.09 -10.94
C LEU B 207 -6.07 -7.26 -9.69
N ALA B 208 -7.35 -7.16 -9.38
CA ALA B 208 -7.84 -6.43 -8.22
C ALA B 208 -7.42 -7.14 -6.93
N SER B 209 -7.51 -8.47 -6.94
CA SER B 209 -7.14 -9.29 -5.78
C SER B 209 -5.64 -9.21 -5.55
N LYS B 210 -4.90 -9.00 -6.62
CA LYS B 210 -3.43 -8.89 -6.59
C LYS B 210 -2.95 -7.46 -6.36
N LYS B 211 -3.89 -6.56 -6.11
CA LYS B 211 -3.59 -5.15 -5.84
C LYS B 211 -2.97 -4.43 -7.05
N CYS B 212 -3.41 -4.82 -8.25
CA CYS B 212 -3.02 -4.12 -9.47
C CYS B 212 -4.10 -3.14 -9.89
N ILE B 213 -3.71 -1.89 -10.15
CA ILE B 213 -4.60 -0.87 -10.68
C ILE B 213 -4.18 -0.60 -12.12
N HIS B 214 -5.09 -0.88 -13.05
CA HIS B 214 -4.79 -0.77 -14.47
C HIS B 214 -4.55 0.68 -14.92
N ARG B 215 -5.48 1.57 -14.56
CA ARG B 215 -5.34 3.01 -14.74
C ARG B 215 -5.50 3.48 -16.19
N ASP B 216 -5.54 2.54 -17.13
CA ASP B 216 -6.15 2.75 -18.43
C ASP B 216 -6.80 1.43 -18.82
N LEU B 217 -8.13 1.41 -18.88
CA LEU B 217 -8.85 0.17 -19.23
C LEU B 217 -9.83 0.47 -20.33
N ALA B 218 -9.60 -0.14 -21.49
CA ALA B 218 -10.37 0.11 -22.69
C ALA B 218 -10.34 -1.12 -23.58
N ALA B 219 -11.25 -1.19 -24.53
CA ALA B 219 -11.28 -2.31 -25.47
C ALA B 219 -9.91 -2.48 -26.13
N ARG B 220 -9.19 -1.37 -26.30
CA ARG B 220 -7.87 -1.35 -26.92
C ARG B 220 -6.84 -2.09 -26.07
N ASN B 221 -7.05 -2.05 -24.76
CA ASN B 221 -6.19 -2.72 -23.78
C ASN B 221 -6.62 -4.15 -23.43
N VAL B 222 -7.62 -4.65 -24.15
CA VAL B 222 -7.99 -6.06 -24.08
C VAL B 222 -7.63 -6.73 -25.41
N LEU B 223 -7.00 -7.90 -25.32
CA LEU B 223 -6.60 -8.66 -26.50
C LEU B 223 -7.37 -9.96 -26.61
N VAL B 224 -7.55 -10.43 -27.85
CA VAL B 224 -8.32 -11.64 -28.12
C VAL B 224 -7.47 -12.73 -28.79
N THR B 225 -7.49 -13.93 -28.20
CA THR B 225 -6.72 -15.06 -28.72
C THR B 225 -7.45 -15.78 -29.85
N GLU B 226 -6.81 -16.81 -30.41
CA GLU B 226 -7.40 -17.62 -31.47
C GLU B 226 -8.59 -18.40 -30.92
N ASP B 227 -8.55 -18.65 -29.62
CA ASP B 227 -9.59 -19.41 -28.93
C ASP B 227 -10.69 -18.49 -28.43
N ASN B 228 -10.59 -17.22 -28.79
CA ASN B 228 -11.57 -16.19 -28.45
C ASN B 228 -11.64 -15.90 -26.95
N VAL B 229 -10.52 -16.09 -26.27
CA VAL B 229 -10.40 -15.75 -24.86
C VAL B 229 -9.95 -14.30 -24.74
N MET B 230 -10.66 -13.54 -23.91
CA MET B 230 -10.31 -12.15 -23.65
C MET B 230 -9.18 -12.10 -22.64
N LYS B 231 -8.18 -11.26 -22.92
CA LYS B 231 -7.03 -11.10 -22.03
C LYS B 231 -6.64 -9.63 -21.84
N ILE B 232 -6.64 -9.17 -20.59
CA ILE B 232 -6.27 -7.80 -20.28
C ILE B 232 -4.79 -7.56 -20.57
N ALA B 233 -4.51 -6.44 -21.23
CA ALA B 233 -3.16 -6.09 -21.66
C ALA B 233 -2.66 -4.82 -20.97
N ASP B 234 -1.33 -4.69 -20.89
CA ASP B 234 -0.68 -3.50 -20.31
C ASP B 234 -1.17 -3.16 -18.91
N PHE B 235 -1.37 -4.19 -18.09
CA PHE B 235 -1.75 -3.99 -16.69
C PHE B 235 -0.56 -3.64 -15.80
N GLY B 236 0.64 -4.05 -16.22
CA GLY B 236 1.83 -3.92 -15.40
C GLY B 236 2.64 -2.65 -15.59
N LEU B 237 2.01 -1.61 -16.14
CA LEU B 237 2.69 -0.35 -16.42
C LEU B 237 2.97 0.49 -15.18
N ALA B 238 3.94 1.39 -15.29
CA ALA B 238 4.33 2.29 -14.20
C ALA B 238 3.28 3.38 -13.99
N PRO B 256 -7.65 9.96 -23.93
CA PRO B 256 -8.80 9.97 -23.02
C PRO B 256 -8.43 9.22 -21.76
N VAL B 257 -8.91 9.55 -20.55
CA VAL B 257 -9.75 10.70 -20.13
C VAL B 257 -11.23 10.59 -20.49
N LYS B 258 -11.56 9.80 -21.51
CA LYS B 258 -12.94 9.40 -21.70
C LYS B 258 -13.21 8.06 -21.03
N TRP B 259 -12.13 7.38 -20.64
CA TRP B 259 -12.23 6.20 -19.81
C TRP B 259 -11.95 6.49 -18.34
N MET B 260 -11.57 7.73 -18.04
CA MET B 260 -11.15 8.09 -16.69
C MET B 260 -12.35 8.44 -15.82
N ALA B 261 -12.36 7.94 -14.59
CA ALA B 261 -13.36 8.33 -13.61
C ALA B 261 -13.14 9.80 -13.23
N PRO B 262 -14.19 10.48 -12.76
CA PRO B 262 -14.06 11.91 -12.42
C PRO B 262 -12.91 12.20 -11.44
N GLU B 263 -12.78 11.39 -10.38
CA GLU B 263 -11.72 11.63 -9.40
C GLU B 263 -10.33 11.55 -10.04
N ALA B 264 -10.19 10.65 -11.01
CA ALA B 264 -8.95 10.49 -11.77
C ALA B 264 -8.76 11.64 -12.75
N LEU B 265 -9.88 12.13 -13.27
CA LEU B 265 -9.90 13.18 -14.29
C LEU B 265 -9.54 14.55 -13.72
N PHE B 266 -10.04 14.82 -12.52
CA PHE B 266 -9.82 16.10 -11.85
C PHE B 266 -8.66 16.04 -10.85
N ASP B 267 -8.81 15.18 -9.84
CA ASP B 267 -7.87 15.09 -8.74
C ASP B 267 -6.76 14.05 -8.95
N ARG B 268 -6.81 13.38 -10.10
CA ARG B 268 -5.81 12.37 -10.48
C ARG B 268 -5.72 11.19 -9.50
N ILE B 269 -6.82 10.91 -8.80
CA ILE B 269 -6.91 9.78 -7.87
C ILE B 269 -7.25 8.49 -8.61
N TYR B 270 -6.40 7.48 -8.45
CA TYR B 270 -6.60 6.18 -9.09
C TYR B 270 -6.81 5.06 -8.08
N THR B 271 -7.97 4.42 -8.17
CA THR B 271 -8.31 3.30 -7.30
C THR B 271 -8.75 2.12 -8.15
N HIS B 272 -9.20 1.06 -7.52
CA HIS B 272 -9.81 -0.04 -8.24
C HIS B 272 -11.18 0.39 -8.74
N GLN B 273 -11.77 1.37 -8.06
CA GLN B 273 -13.08 1.90 -8.40
C GLN B 273 -13.00 2.83 -9.60
N SER B 274 -11.85 3.44 -9.82
CA SER B 274 -11.62 4.19 -11.04
C SER B 274 -11.54 3.24 -12.23
N ASP B 275 -11.12 2.01 -11.98
CA ASP B 275 -11.09 0.97 -13.01
C ASP B 275 -12.50 0.47 -13.33
N VAL B 276 -13.35 0.44 -12.31
CA VAL B 276 -14.74 0.03 -12.47
C VAL B 276 -15.47 0.99 -13.41
N TRP B 277 -15.29 2.29 -13.17
CA TRP B 277 -15.82 3.33 -14.04
C TRP B 277 -15.39 3.07 -15.47
N SER B 278 -14.09 2.83 -15.66
CA SER B 278 -13.53 2.53 -16.96
C SER B 278 -14.16 1.26 -17.54
N PHE B 279 -14.51 0.31 -16.68
CA PHE B 279 -15.16 -0.93 -17.10
C PHE B 279 -16.57 -0.65 -17.61
N GLY B 280 -17.18 0.39 -17.07
CA GLY B 280 -18.47 0.86 -17.56
C GLY B 280 -18.32 1.31 -18.99
N VAL B 281 -17.29 2.11 -19.24
CA VAL B 281 -16.98 2.61 -20.58
C VAL B 281 -16.65 1.45 -21.50
N LEU B 282 -16.03 0.41 -20.95
CA LEU B 282 -15.67 -0.79 -21.70
C LEU B 282 -16.95 -1.56 -22.07
N LEU B 283 -17.87 -1.68 -21.10
CA LEU B 283 -19.15 -2.32 -21.35
C LEU B 283 -19.88 -1.62 -22.49
N TRP B 284 -19.89 -0.30 -22.45
CA TRP B 284 -20.48 0.52 -23.50
C TRP B 284 -19.85 0.19 -24.86
N GLU B 285 -18.53 0.04 -24.88
CA GLU B 285 -17.79 -0.30 -26.09
C GLU B 285 -18.17 -1.66 -26.66
N ILE B 286 -18.41 -2.64 -25.78
CA ILE B 286 -18.79 -3.98 -26.22
C ILE B 286 -20.11 -3.96 -26.96
N PHE B 287 -21.09 -3.24 -26.44
CA PHE B 287 -22.44 -3.25 -26.99
C PHE B 287 -22.68 -2.16 -28.04
N THR B 288 -21.68 -1.32 -28.24
CA THR B 288 -21.61 -0.47 -29.43
C THR B 288 -20.71 -1.14 -30.48
N LEU B 289 -20.15 -2.30 -30.14
CA LEU B 289 -19.24 -3.03 -31.02
C LEU B 289 -18.06 -2.17 -31.46
N GLY B 290 -17.35 -1.62 -30.48
CA GLY B 290 -16.18 -0.80 -30.74
C GLY B 290 -16.51 0.67 -30.98
N GLY B 291 -17.63 1.11 -30.41
CA GLY B 291 -18.06 2.49 -30.53
C GLY B 291 -17.14 3.46 -29.81
N SER B 292 -17.08 4.70 -30.31
CA SER B 292 -16.26 5.75 -29.70
C SER B 292 -17.04 6.50 -28.62
N PRO B 293 -16.48 6.58 -27.40
CA PRO B 293 -17.18 7.25 -26.29
C PRO B 293 -17.32 8.75 -26.51
N TYR B 294 -18.42 9.33 -26.01
CA TYR B 294 -18.65 10.78 -26.08
C TYR B 294 -18.26 11.42 -27.41
N PRO B 295 -18.88 10.97 -28.53
CA PRO B 295 -18.44 11.44 -29.84
C PRO B 295 -18.42 12.97 -29.91
N GLY B 296 -17.32 13.52 -30.40
CA GLY B 296 -17.18 14.95 -30.61
C GLY B 296 -17.19 15.82 -29.36
N VAL B 297 -16.84 15.24 -28.22
CA VAL B 297 -16.82 16.00 -26.96
C VAL B 297 -15.37 16.34 -26.54
N PRO B 298 -15.04 17.64 -26.49
CA PRO B 298 -13.70 18.09 -26.08
C PRO B 298 -13.45 17.90 -24.59
N VAL B 299 -12.17 17.89 -24.21
CA VAL B 299 -11.76 17.65 -22.84
C VAL B 299 -12.32 18.71 -21.88
N GLU B 300 -12.36 19.95 -22.36
CA GLU B 300 -12.84 21.07 -21.58
C GLU B 300 -14.31 20.89 -21.19
N GLU B 301 -15.12 20.47 -22.17
CA GLU B 301 -16.57 20.34 -21.99
C GLU B 301 -16.93 19.05 -21.25
N LEU B 302 -16.04 18.06 -21.26
CA LEU B 302 -16.29 16.78 -20.60
C LEU B 302 -16.24 16.91 -19.09
N PHE B 303 -15.33 17.75 -18.60
CA PHE B 303 -15.20 18.01 -17.17
C PHE B 303 -16.51 18.54 -16.60
N LYS B 304 -17.12 19.47 -17.34
CA LYS B 304 -18.39 20.07 -16.93
C LYS B 304 -19.56 19.09 -17.09
N LEU B 305 -19.55 18.33 -18.17
CA LEU B 305 -20.61 17.35 -18.43
C LEU B 305 -20.71 16.32 -17.33
N LEU B 306 -19.57 15.70 -17.01
CA LEU B 306 -19.52 14.68 -15.96
C LEU B 306 -19.87 15.28 -14.60
N LYS B 307 -19.44 16.53 -14.39
CA LYS B 307 -19.76 17.27 -13.17
C LYS B 307 -21.25 17.55 -13.05
N GLU B 308 -21.89 17.83 -14.19
CA GLU B 308 -23.33 18.05 -14.24
C GLU B 308 -24.10 16.74 -14.10
N GLY B 309 -23.39 15.62 -14.20
CA GLY B 309 -23.99 14.31 -14.00
C GLY B 309 -24.50 13.64 -15.26
N HIS B 310 -24.10 14.16 -16.42
CA HIS B 310 -24.48 13.56 -17.69
C HIS B 310 -23.74 12.25 -17.90
N ARG B 311 -24.44 11.26 -18.46
CA ARG B 311 -23.85 9.96 -18.74
C ARG B 311 -24.29 9.47 -20.12
N MET B 312 -23.47 8.61 -20.71
CA MET B 312 -23.73 8.08 -22.06
C MET B 312 -25.07 7.37 -22.15
N ASP B 313 -25.70 7.46 -23.31
CA ASP B 313 -27.01 6.85 -23.56
C ASP B 313 -26.89 5.33 -23.70
N LYS B 314 -28.00 4.65 -23.49
CA LYS B 314 -28.06 3.19 -23.65
C LYS B 314 -27.87 2.80 -25.13
N PRO B 315 -26.94 1.85 -25.41
CA PRO B 315 -26.65 1.46 -26.80
C PRO B 315 -27.80 0.71 -27.45
N SER B 316 -27.86 0.77 -28.78
CA SER B 316 -28.90 0.08 -29.56
C SER B 316 -28.89 -1.42 -29.31
N ASN B 317 -30.07 -1.96 -29.00
CA ASN B 317 -30.25 -3.39 -28.72
C ASN B 317 -29.69 -3.87 -27.38
N CYS B 318 -28.97 -2.99 -26.68
CA CYS B 318 -28.50 -3.26 -25.32
C CYS B 318 -29.70 -3.50 -24.39
N THR B 319 -29.57 -4.45 -23.47
CA THR B 319 -30.62 -4.70 -22.47
C THR B 319 -30.57 -3.68 -21.34
N ASN B 320 -31.71 -3.45 -20.69
CA ASN B 320 -31.80 -2.52 -19.59
C ASN B 320 -30.92 -2.96 -18.41
N GLU B 321 -30.84 -4.26 -18.18
CA GLU B 321 -30.01 -4.78 -17.11
C GLU B 321 -28.54 -4.41 -17.29
N LEU B 322 -28.09 -4.51 -18.53
CA LEU B 322 -26.71 -4.18 -18.88
C LEU B 322 -26.44 -2.69 -18.87
N TYR B 323 -27.43 -1.89 -19.23
CA TYR B 323 -27.29 -0.45 -19.15
C TYR B 323 -27.28 0.04 -17.68
N MET B 324 -28.05 -0.65 -16.82
CA MET B 324 -28.01 -0.37 -15.40
CA MET B 324 -28.02 -0.38 -15.41
C MET B 324 -26.60 -0.54 -14.92
N MET B 325 -26.00 -1.68 -15.27
CA MET B 325 -24.65 -2.02 -14.90
C MET B 325 -23.68 -0.93 -15.30
N MET B 326 -23.84 -0.39 -16.50
CA MET B 326 -23.01 0.72 -16.95
C MET B 326 -23.19 1.93 -16.05
N ARG B 327 -24.46 2.24 -15.75
CA ARG B 327 -24.78 3.41 -14.93
C ARG B 327 -24.26 3.25 -13.52
N ASP B 328 -24.24 2.01 -13.03
CA ASP B 328 -23.69 1.70 -11.71
C ASP B 328 -22.18 1.97 -11.64
N CYS B 329 -21.46 1.58 -12.69
CA CYS B 329 -20.02 1.86 -12.79
C CYS B 329 -19.78 3.34 -12.95
N TRP B 330 -20.77 4.04 -13.50
CA TRP B 330 -20.66 5.46 -13.82
C TRP B 330 -21.12 6.35 -12.65
N HIS B 331 -21.44 5.73 -11.53
CA HIS B 331 -21.81 6.44 -10.31
C HIS B 331 -20.78 7.51 -9.97
N ALA B 332 -21.25 8.68 -9.60
CA ALA B 332 -20.36 9.80 -9.27
C ALA B 332 -19.45 9.45 -8.10
N VAL B 333 -20.06 8.93 -7.03
CA VAL B 333 -19.33 8.57 -5.81
C VAL B 333 -18.66 7.20 -5.97
N PRO B 334 -17.32 7.15 -5.83
CA PRO B 334 -16.62 5.88 -6.04
C PRO B 334 -17.13 4.75 -5.14
N SER B 335 -17.42 5.06 -3.88
CA SER B 335 -17.83 4.06 -2.90
C SER B 335 -19.13 3.35 -3.29
N GLN B 336 -19.92 4.01 -4.13
CA GLN B 336 -21.24 3.49 -4.52
C GLN B 336 -21.21 2.71 -5.83
N ARG B 337 -20.04 2.67 -6.46
CA ARG B 337 -19.84 1.83 -7.64
C ARG B 337 -19.75 0.38 -7.21
N PRO B 338 -20.09 -0.57 -8.10
CA PRO B 338 -19.93 -1.99 -7.74
C PRO B 338 -18.47 -2.44 -7.82
N THR B 339 -18.12 -3.47 -7.06
CA THR B 339 -16.81 -4.13 -7.15
C THR B 339 -16.78 -5.10 -8.34
N PHE B 340 -15.59 -5.39 -8.84
CA PHE B 340 -15.43 -6.41 -9.88
C PHE B 340 -15.91 -7.78 -9.42
N LYS B 341 -15.74 -8.06 -8.12
CA LYS B 341 -16.26 -9.28 -7.52
C LYS B 341 -17.78 -9.36 -7.73
N GLN B 342 -18.47 -8.26 -7.48
CA GLN B 342 -19.90 -8.14 -7.76
C GLN B 342 -20.18 -8.29 -9.26
N LEU B 343 -19.44 -7.53 -10.07
CA LEU B 343 -19.59 -7.54 -11.53
C LEU B 343 -19.44 -8.92 -12.16
N VAL B 344 -18.58 -9.75 -11.57
CA VAL B 344 -18.40 -11.12 -12.05
C VAL B 344 -19.59 -11.97 -11.65
N GLU B 345 -20.08 -11.78 -10.43
CA GLU B 345 -21.23 -12.53 -9.92
C GLU B 345 -22.48 -12.27 -10.75
N ASP B 346 -22.65 -11.01 -11.15
CA ASP B 346 -23.81 -10.60 -11.93
C ASP B 346 -23.72 -11.06 -13.38
N LEU B 347 -22.57 -10.84 -14.00
CA LEU B 347 -22.38 -11.21 -15.41
C LEU B 347 -22.46 -12.72 -15.59
N ASP B 348 -22.03 -13.47 -14.57
CA ASP B 348 -22.07 -14.92 -14.63
C ASP B 348 -23.51 -15.41 -14.71
N ARG B 349 -24.37 -14.76 -13.93
CA ARG B 349 -25.80 -15.07 -13.93
C ARG B 349 -26.40 -14.71 -15.29
N ILE B 350 -26.06 -13.51 -15.75
CA ILE B 350 -26.59 -13.00 -17.02
C ILE B 350 -26.22 -13.90 -18.19
N VAL B 351 -24.95 -14.31 -18.25
CA VAL B 351 -24.47 -15.19 -19.31
C VAL B 351 -25.29 -16.47 -19.39
N ALA B 352 -25.72 -16.97 -18.22
CA ALA B 352 -26.50 -18.20 -18.13
C ALA B 352 -27.94 -17.96 -18.59
N LEU B 353 -28.50 -16.82 -18.18
CA LEU B 353 -29.88 -16.49 -18.52
C LEU B 353 -30.03 -15.96 -19.94
N THR B 354 -28.89 -15.65 -20.56
CA THR B 354 -28.85 -15.10 -21.92
C THR B 354 -28.72 -16.23 -22.94
N SER B 355 -29.67 -16.28 -23.89
CA SER B 355 -29.65 -17.28 -24.97
C SER B 355 -28.69 -16.91 -26.10
N ASN B 356 -28.19 -17.94 -26.79
CA ASN B 356 -27.09 -17.82 -27.76
C ASN B 356 -27.55 -17.62 -29.20
O1 07J C . 14.78 5.31 18.37
C2 07J C . 14.58 4.51 17.46
N3 07J C . 14.40 3.16 17.71
C4 07J C . 14.40 2.67 19.03
C5 07J C . 15.56 2.48 19.74
CL1 07J C . 17.10 2.77 19.03
C7 07J C . 15.50 2.00 21.04
O8 07J C . 16.72 1.84 21.69
C9 07J C . 16.51 1.48 23.05
C10 07J C . 14.28 1.76 21.64
C11 07J C . 13.11 1.95 20.92
O12 07J C . 11.84 1.73 21.45
C13 07J C . 11.91 1.35 22.82
C14 07J C . 13.18 2.43 19.63
CL2 07J C . 11.74 2.68 18.73
N16 07J C . 14.54 4.88 16.11
C17 07J C . 14.73 6.28 15.79
C18 07J C . 14.26 3.99 15.05
C19 07J C . 13.86 4.52 13.84
C20 07J C . 13.58 3.67 12.79
N21 07J C . 13.67 2.34 12.94
C22 07J C . 14.07 1.92 14.15
N23 07J C . 14.37 2.67 15.21
N24 07J C . 13.15 4.14 11.54
C25 07J C . 13.29 5.42 10.98
C26 07J C . 12.70 6.54 11.53
C27 07J C . 12.86 7.78 10.94
C28 07J C . 13.58 7.92 9.77
C29 07J C . 14.15 6.80 9.21
C30 07J C . 14.01 5.56 9.80
N31 07J C . 13.76 9.17 9.12
C32 07J C . 13.42 9.07 7.69
C33 07J C . 13.78 10.39 7.02
N34 07J C . 13.06 11.45 7.76
C35 07J C . 13.04 12.74 7.02
C36 07J C . 12.13 12.56 5.84
C37 07J C . 13.50 11.60 9.18
C38 07J C . 13.20 10.29 9.88
S SO4 D . 1.83 18.52 16.25
O1 SO4 D . 1.82 19.36 17.45
O2 SO4 D . 1.68 19.36 15.07
O3 SO4 D . 3.07 17.78 16.17
O4 SO4 D . 0.69 17.60 16.32
S SO4 E . -1.89 18.64 8.40
O1 SO4 E . -0.64 18.46 9.13
O2 SO4 E . -3.01 18.38 9.30
O3 SO4 E . -1.98 20.01 7.90
O4 SO4 E . -1.94 17.70 7.29
S SO4 F . -20.07 9.41 5.82
O1 SO4 F . -20.12 9.64 7.26
O2 SO4 F . -19.74 10.66 5.14
O3 SO4 F . -19.03 8.41 5.53
O4 SO4 F . -21.36 8.92 5.36
O1 07J G . 2.38 -5.42 -26.28
C2 07J G . 1.83 -6.48 -26.53
N3 07J G . 1.73 -7.50 -25.61
C4 07J G . 2.23 -7.33 -24.31
C5 07J G . 3.58 -7.42 -24.03
CL1 07J G . 4.71 -7.78 -25.29
C7 07J G . 4.03 -7.24 -22.74
O8 07J G . 5.41 -7.35 -22.55
C9 07J G . 5.76 -7.04 -21.21
C10 07J G . 3.14 -6.96 -21.73
C11 07J G . 1.78 -6.87 -22.00
O12 07J G . 0.82 -6.59 -21.04
C13 07J G . 1.42 -6.35 -19.77
C14 07J G . 1.34 -7.06 -23.30
CL2 07J G . -0.33 -6.95 -23.67
N16 07J G . 1.26 -6.77 -27.77
C17 07J G . 1.34 -5.76 -28.81
C18 07J G . 0.58 -7.98 -28.08
C19 07J G . -0.25 -7.99 -29.17
C20 07J G . -0.93 -9.16 -29.49
N21 07J G . -0.78 -10.25 -28.74
C22 07J G . 0.04 -10.15 -27.70
N23 07J G . 0.75 -9.07 -27.32
N24 07J G . -1.80 -9.23 -30.60
C25 07J G . -1.97 -8.34 -31.68
C26 07J G . -2.40 -7.03 -31.53
C27 07J G . -2.56 -6.21 -32.62
C28 07J G . -2.32 -6.68 -33.90
C29 07J G . -1.91 -7.98 -34.06
C30 07J G . -1.73 -8.81 -32.96
N31 07J G . -2.49 -5.86 -35.05
C32 07J G . -2.37 -4.44 -34.73
C33 07J G . -2.33 -3.60 -35.99
N34 07J G . -3.48 -3.93 -36.37
C35 07J G . -3.37 -2.90 -37.42
C36 07J G . -4.77 -2.37 -37.68
C37 07J G . -4.01 -5.23 -36.88
C38 07J G . -3.62 -6.30 -35.88
S SO4 H . -14.83 -21.08 -18.17
O1 SO4 H . -14.04 -21.20 -16.95
O2 SO4 H . -15.47 -19.76 -18.22
O3 SO4 H . -13.95 -21.24 -19.32
O4 SO4 H . -15.85 -22.12 -18.20
C1 GOL I . -16.26 -15.09 -36.12
O1 GOL I . -15.80 -15.58 -37.36
C2 GOL I . -15.08 -14.79 -35.19
O2 GOL I . -13.87 -14.82 -35.92
C3 GOL I . -15.02 -15.83 -34.07
O3 GOL I . -15.96 -15.51 -33.07
C1 GOL J . -9.16 -14.80 -8.44
O1 GOL J . -10.11 -13.83 -8.04
C2 GOL J . -9.40 -15.26 -9.88
O2 GOL J . -10.43 -14.52 -10.51
C3 GOL J . -9.75 -16.75 -9.92
O3 GOL J . -8.62 -17.53 -9.58
C1 GOL K . -19.02 5.44 -33.20
O1 GOL K . -20.40 5.41 -33.54
C2 GOL K . -18.31 4.14 -33.59
O2 GOL K . -16.97 4.40 -33.97
C3 GOL K . -19.02 3.38 -34.71
O3 GOL K . -18.37 2.13 -34.82
#